data_1YDF
#
_entry.id   1YDF
#
_cell.length_a   74.430
_cell.length_b   99.929
_cell.length_c   39.841
_cell.angle_alpha   90.00
_cell.angle_beta   90.00
_cell.angle_gamma   90.00
#
_symmetry.space_group_name_H-M   'P 21 21 2'
#
loop_
_entity.id
_entity.type
_entity.pdbx_description
1 polymer 'hydrolase, haloacid dehalogenase-like family'
2 non-polymer 'MAGNESIUM ION'
3 water water
#
_entity_poly.entity_id   1
_entity_poly.type   'polypeptide(L)'
_entity_poly.pdbx_seq_one_letter_code
;SLYKGYLIDLDGTIYKGKDRIPAGETFVHELQKRDIPYLFVTNNTTRTPESVKEMLAQNFNIDTPLSTVYTATLATIDYM
NDLGLEKTVYVVGEAGLKEAIKAAGYVEDKEKPAYVVVGLDWQVDYEKFATATLAIQKGAHFIGTNPDLNIPTERGLLPG
AGSLITLLEVATRVKPVYIGKPNAIIMDKAVEHLGLEREELIMVGDNYLTDIRAGIDNGIPTLLVTTGFTKAEEVAGLPI
APTHVVSSLAEWDFDEN
;
_entity_poly.pdbx_strand_id   A
#
loop_
_chem_comp.id
_chem_comp.type
_chem_comp.name
_chem_comp.formula
MG non-polymer 'MAGNESIUM ION' 'Mg 2'
#
# COMPACT_ATOMS: atom_id res chain seq x y z
N SER A 1 -10.21 -16.76 -19.03
CA SER A 1 -9.89 -16.15 -17.72
C SER A 1 -8.99 -17.06 -16.87
N LEU A 2 -7.70 -17.09 -17.17
CA LEU A 2 -6.77 -17.93 -16.41
C LEU A 2 -6.59 -17.37 -15.00
N TYR A 3 -7.00 -16.12 -14.81
CA TYR A 3 -6.89 -15.48 -13.50
C TYR A 3 -8.18 -15.60 -12.71
N LYS A 4 -8.07 -16.21 -11.53
CA LYS A 4 -9.21 -16.44 -10.66
C LYS A 4 -9.41 -15.29 -9.67
N GLY A 5 -8.32 -14.59 -9.33
CA GLY A 5 -8.41 -13.49 -8.40
C GLY A 5 -7.65 -12.24 -8.82
N TYR A 6 -8.10 -11.09 -8.34
CA TYR A 6 -7.46 -9.82 -8.69
C TYR A 6 -7.04 -8.92 -7.51
N LEU A 7 -5.75 -8.59 -7.46
CA LEU A 7 -5.22 -7.67 -6.44
C LEU A 7 -5.06 -6.35 -7.19
N ILE A 8 -5.86 -5.36 -6.79
CA ILE A 8 -5.90 -4.06 -7.47
C ILE A 8 -5.40 -2.79 -6.76
N ASP A 9 -4.52 -2.05 -7.44
CA ASP A 9 -3.99 -0.80 -6.91
C ASP A 9 -5.11 0.22 -6.98
N LEU A 10 -5.03 1.29 -6.19
CA LEU A 10 -6.07 2.31 -6.24
C LEU A 10 -5.66 3.58 -6.97
N ASP A 11 -4.82 4.40 -6.35
CA ASP A 11 -4.40 5.64 -6.98
C ASP A 11 -3.61 5.39 -8.28
N GLY A 12 -3.95 6.13 -9.33
CA GLY A 12 -3.27 5.97 -10.60
C GLY A 12 -3.77 4.80 -11.43
N THR A 13 -4.62 3.96 -10.85
CA THR A 13 -5.14 2.79 -11.56
C THR A 13 -6.67 2.81 -11.70
N ILE A 14 -7.38 2.88 -10.58
CA ILE A 14 -8.83 2.91 -10.59
C ILE A 14 -9.32 4.34 -10.64
N TYR A 15 -8.44 5.26 -10.27
CA TYR A 15 -8.73 6.70 -10.30
C TYR A 15 -7.38 7.43 -10.29
N LYS A 16 -7.39 8.74 -10.53
CA LYS A 16 -6.14 9.51 -10.56
C LYS A 16 -6.25 10.77 -9.71
N GLY A 17 -5.79 10.71 -8.47
CA GLY A 17 -5.87 11.86 -7.60
C GLY A 17 -7.33 12.10 -7.25
N LYS A 18 -7.86 13.23 -7.71
CA LYS A 18 -9.26 13.55 -7.46
C LYS A 18 -10.03 13.32 -8.75
N ASP A 19 -9.31 12.92 -9.81
CA ASP A 19 -9.91 12.67 -11.11
C ASP A 19 -10.35 11.24 -11.36
N ARG A 20 -11.33 11.08 -12.22
CA ARG A 20 -11.85 9.75 -12.55
C ARG A 20 -11.06 9.13 -13.68
N ILE A 21 -11.18 7.80 -13.77
CA ILE A 21 -10.57 7.00 -14.82
C ILE A 21 -11.68 5.99 -15.18
N PRO A 22 -12.75 6.47 -15.84
CA PRO A 22 -13.91 5.67 -16.27
C PRO A 22 -13.63 4.20 -16.52
N ALA A 23 -12.59 3.91 -17.30
CA ALA A 23 -12.22 2.54 -17.61
C ALA A 23 -11.95 1.73 -16.33
N GLY A 24 -11.14 2.29 -15.44
CA GLY A 24 -10.86 1.60 -14.19
C GLY A 24 -12.13 1.25 -13.43
N GLU A 25 -13.10 2.15 -13.47
CA GLU A 25 -14.37 1.93 -12.80
C GLU A 25 -15.10 0.77 -13.48
N THR A 26 -15.19 0.82 -14.81
CA THR A 26 -15.87 -0.22 -15.57
C THR A 26 -15.25 -1.58 -15.26
N PHE A 27 -13.92 -1.58 -15.14
CA PHE A 27 -13.12 -2.77 -14.84
C PHE A 27 -13.58 -3.40 -13.52
N VAL A 28 -13.76 -2.57 -12.50
CA VAL A 28 -14.23 -3.04 -11.20
C VAL A 28 -15.66 -3.59 -11.31
N HIS A 29 -16.50 -2.91 -12.08
CA HIS A 29 -17.87 -3.32 -12.28
C HIS A 29 -17.93 -4.70 -12.93
N GLU A 30 -17.09 -4.91 -13.93
CA GLU A 30 -17.07 -6.20 -14.62
C GLU A 30 -16.69 -7.29 -13.63
N LEU A 31 -15.66 -7.00 -12.85
CA LEU A 31 -15.16 -7.92 -11.84
C LEU A 31 -16.29 -8.27 -10.87
N GLN A 32 -17.11 -7.27 -10.55
CA GLN A 32 -18.24 -7.45 -9.65
C GLN A 32 -19.36 -8.21 -10.35
N LYS A 33 -19.71 -7.77 -11.56
CA LYS A 33 -20.75 -8.45 -12.33
C LYS A 33 -20.35 -9.90 -12.48
N ARG A 34 -19.14 -10.11 -13.03
CA ARG A 34 -18.62 -11.44 -13.28
C ARG A 34 -18.42 -12.31 -12.05
N ASP A 35 -18.75 -11.79 -10.87
CA ASP A 35 -18.61 -12.58 -9.64
C ASP A 35 -17.16 -12.94 -9.31
N ILE A 36 -16.20 -12.12 -9.73
CA ILE A 36 -14.81 -12.45 -9.45
C ILE A 36 -14.26 -11.82 -8.17
N PRO A 37 -13.59 -12.62 -7.33
CA PRO A 37 -13.01 -12.14 -6.07
C PRO A 37 -11.89 -11.14 -6.31
N TYR A 38 -12.01 -9.96 -5.68
CA TYR A 38 -10.99 -8.94 -5.86
C TYR A 38 -10.58 -8.36 -4.52
N LEU A 39 -9.39 -7.77 -4.48
CA LEU A 39 -8.91 -7.15 -3.25
C LEU A 39 -8.13 -5.89 -3.57
N PHE A 40 -8.57 -4.75 -3.05
CA PHE A 40 -7.85 -3.51 -3.28
C PHE A 40 -6.72 -3.46 -2.26
N VAL A 41 -5.48 -3.30 -2.71
CA VAL A 41 -4.34 -3.23 -1.80
C VAL A 41 -3.51 -1.96 -2.05
N THR A 42 -3.60 -1.01 -1.12
CA THR A 42 -2.89 0.26 -1.22
C THR A 42 -1.87 0.51 -0.10
N ASN A 43 -0.85 1.31 -0.40
CA ASN A 43 0.20 1.65 0.54
C ASN A 43 -0.14 2.87 1.39
N ASN A 44 -1.07 3.68 0.89
CA ASN A 44 -1.47 4.90 1.58
C ASN A 44 -2.12 4.66 2.94
N THR A 45 -1.47 5.10 4.01
CA THR A 45 -2.02 4.91 5.36
C THR A 45 -2.70 6.18 5.88
N THR A 46 -2.60 7.27 5.12
CA THR A 46 -3.23 8.53 5.53
C THR A 46 -4.76 8.49 5.42
N ARG A 47 -5.29 7.42 4.83
CA ARG A 47 -6.73 7.26 4.71
C ARG A 47 -7.10 5.87 5.19
N THR A 48 -8.05 5.79 6.12
CA THR A 48 -8.46 4.51 6.67
C THR A 48 -9.24 3.70 5.66
N PRO A 49 -9.35 2.37 5.88
CA PRO A 49 -10.06 1.44 5.00
C PRO A 49 -11.51 1.84 4.74
N GLU A 50 -12.21 2.20 5.80
CA GLU A 50 -13.60 2.61 5.69
C GLU A 50 -13.71 3.93 4.95
N SER A 51 -12.70 4.79 5.11
CA SER A 51 -12.68 6.10 4.44
C SER A 51 -12.50 5.89 2.93
N VAL A 52 -11.76 4.86 2.56
CA VAL A 52 -11.53 4.55 1.16
C VAL A 52 -12.88 4.20 0.56
N LYS A 53 -13.50 3.17 1.15
CA LYS A 53 -14.82 2.71 0.73
C LYS A 53 -15.71 3.91 0.44
N GLU A 54 -15.78 4.83 1.40
CA GLU A 54 -16.58 6.04 1.27
C GLU A 54 -16.22 6.81 0.00
N MET A 55 -14.93 7.10 -0.13
CA MET A 55 -14.41 7.83 -1.28
C MET A 55 -14.82 7.15 -2.59
N LEU A 56 -14.63 5.84 -2.64
CA LEU A 56 -14.96 5.05 -3.82
C LEU A 56 -16.41 5.17 -4.22
N ALA A 57 -17.29 5.11 -3.21
CA ALA A 57 -18.72 5.16 -3.46
C ALA A 57 -19.24 6.54 -3.84
N GLN A 58 -18.71 7.56 -3.19
CA GLN A 58 -19.15 8.92 -3.42
C GLN A 58 -18.42 9.66 -4.56
N ASN A 59 -17.25 9.16 -4.95
CA ASN A 59 -16.47 9.83 -5.99
C ASN A 59 -16.20 9.05 -7.25
N PHE A 60 -16.12 7.73 -7.14
CA PHE A 60 -15.80 6.91 -8.30
C PHE A 60 -16.79 5.80 -8.65
N ASN A 61 -18.04 6.01 -8.28
CA ASN A 61 -19.12 5.06 -8.59
C ASN A 61 -18.89 3.60 -8.24
N ILE A 62 -17.99 3.35 -7.29
CA ILE A 62 -17.71 1.99 -6.88
C ILE A 62 -18.28 1.73 -5.49
N ASP A 63 -19.21 0.78 -5.40
CA ASP A 63 -19.82 0.41 -4.13
C ASP A 63 -19.18 -0.92 -3.75
N THR A 64 -18.17 -0.86 -2.90
CA THR A 64 -17.44 -2.06 -2.51
C THR A 64 -17.47 -2.35 -1.00
N PRO A 65 -17.39 -3.64 -0.63
CA PRO A 65 -17.42 -4.05 0.78
C PRO A 65 -16.17 -3.55 1.50
N LEU A 66 -16.21 -3.55 2.83
CA LEU A 66 -15.06 -3.10 3.60
C LEU A 66 -13.94 -4.12 3.54
N SER A 67 -14.30 -5.40 3.54
CA SER A 67 -13.30 -6.46 3.50
C SER A 67 -12.46 -6.48 2.22
N THR A 68 -12.84 -5.67 1.24
CA THR A 68 -12.09 -5.64 -0.01
C THR A 68 -11.08 -4.51 -0.06
N VAL A 69 -10.96 -3.74 1.02
CA VAL A 69 -10.01 -2.64 1.05
C VAL A 69 -8.83 -2.88 1.98
N TYR A 70 -7.78 -3.52 1.44
CA TYR A 70 -6.58 -3.83 2.22
C TYR A 70 -5.54 -2.70 2.13
N THR A 71 -5.34 -2.03 3.25
CA THR A 71 -4.40 -0.93 3.38
C THR A 71 -3.11 -1.37 4.06
N ALA A 72 -2.01 -0.67 3.78
CA ALA A 72 -0.73 -1.00 4.40
C ALA A 72 -0.85 -0.93 5.91
N THR A 73 -1.85 -0.22 6.40
CA THR A 73 -2.05 -0.14 7.84
C THR A 73 -2.41 -1.52 8.39
N LEU A 74 -3.34 -2.21 7.73
CA LEU A 74 -3.77 -3.53 8.17
C LEU A 74 -2.60 -4.51 8.22
N ALA A 75 -1.78 -4.50 7.17
CA ALA A 75 -0.62 -5.38 7.08
C ALA A 75 0.38 -5.08 8.21
N THR A 76 0.48 -3.81 8.61
CA THR A 76 1.40 -3.42 9.66
C THR A 76 0.95 -3.87 11.05
N ILE A 77 -0.34 -3.73 11.33
CA ILE A 77 -0.87 -4.15 12.62
C ILE A 77 -0.81 -5.67 12.69
N ASP A 78 -1.04 -6.32 11.55
CA ASP A 78 -1.00 -7.78 11.48
C ASP A 78 0.42 -8.21 11.86
N TYR A 79 1.39 -7.60 11.19
CA TYR A 79 2.80 -7.89 11.43
C TYR A 79 3.16 -7.74 12.90
N MET A 80 2.87 -6.57 13.47
CA MET A 80 3.15 -6.29 14.87
C MET A 80 2.58 -7.41 15.75
N ASN A 81 1.31 -7.75 15.54
CA ASN A 81 0.67 -8.80 16.29
C ASN A 81 1.38 -10.12 16.05
N ASP A 82 1.85 -10.36 14.83
CA ASP A 82 2.55 -11.60 14.55
C ASP A 82 3.85 -11.67 15.37
N LEU A 83 4.65 -10.62 15.31
CA LEU A 83 5.93 -10.60 16.03
C LEU A 83 5.80 -10.71 17.55
N GLY A 84 4.65 -10.30 18.08
CA GLY A 84 4.39 -10.41 19.50
C GLY A 84 5.21 -9.68 20.54
N LEU A 85 6.08 -8.75 20.17
CA LEU A 85 6.86 -8.02 21.18
C LEU A 85 5.86 -7.37 22.14
N GLU A 86 6.34 -6.73 23.21
CA GLU A 86 5.39 -6.12 24.14
C GLU A 86 4.61 -5.01 23.41
N LYS A 87 3.37 -4.79 23.83
CA LYS A 87 2.52 -3.80 23.18
C LYS A 87 2.69 -2.31 23.51
N THR A 88 3.91 -1.81 23.29
CA THR A 88 4.21 -0.40 23.49
C THR A 88 4.66 0.10 22.12
N VAL A 89 4.37 1.35 21.80
CA VAL A 89 4.71 1.86 20.49
C VAL A 89 4.78 3.38 20.40
N TYR A 90 5.54 3.87 19.42
CA TYR A 90 5.62 5.30 19.15
C TYR A 90 5.32 5.37 17.67
N VAL A 91 4.36 6.21 17.30
CA VAL A 91 3.98 6.33 15.89
C VAL A 91 4.12 7.74 15.29
N VAL A 92 4.55 7.78 14.04
CA VAL A 92 4.68 9.01 13.27
C VAL A 92 3.73 8.73 12.11
N GLY A 93 2.66 9.52 12.02
CA GLY A 93 1.71 9.30 10.94
C GLY A 93 0.39 10.00 11.20
N GLU A 94 -0.59 9.75 10.34
CA GLU A 94 -1.90 10.36 10.47
C GLU A 94 -2.75 9.64 11.51
N ALA A 95 -3.73 10.38 12.04
CA ALA A 95 -4.65 9.87 13.05
C ALA A 95 -5.19 8.46 12.82
N GLY A 96 -5.68 8.20 11.61
CA GLY A 96 -6.20 6.88 11.32
C GLY A 96 -5.21 5.79 11.73
N LEU A 97 -3.97 5.92 11.26
CA LEU A 97 -2.93 4.95 11.56
C LEU A 97 -2.77 4.75 13.06
N LYS A 98 -2.71 5.84 13.81
CA LYS A 98 -2.55 5.77 15.26
C LYS A 98 -3.79 5.18 15.93
N GLU A 99 -4.97 5.63 15.49
CA GLU A 99 -6.24 5.16 16.04
C GLU A 99 -6.39 3.65 16.00
N ALA A 100 -5.90 3.04 14.92
CA ALA A 100 -5.99 1.59 14.77
C ALA A 100 -4.93 0.89 15.60
N ILE A 101 -3.72 1.44 15.59
CA ILE A 101 -2.61 0.86 16.36
C ILE A 101 -3.04 0.68 17.82
N LYS A 102 -3.58 1.74 18.42
CA LYS A 102 -4.01 1.64 19.82
C LYS A 102 -5.31 0.89 19.97
N ALA A 103 -6.13 0.86 18.91
CA ALA A 103 -7.40 0.16 18.94
C ALA A 103 -7.05 -1.31 19.05
N ALA A 104 -5.86 -1.66 18.60
CA ALA A 104 -5.37 -3.03 18.74
C ALA A 104 -4.76 -2.94 20.15
N GLY A 105 -3.94 -3.89 20.56
CA GLY A 105 -3.40 -3.77 21.91
C GLY A 105 -2.24 -2.84 22.24
N TYR A 106 -1.87 -1.95 21.33
CA TYR A 106 -0.72 -1.07 21.53
C TYR A 106 -0.95 0.28 22.22
N VAL A 107 -0.23 0.49 23.32
CA VAL A 107 -0.31 1.74 24.08
C VAL A 107 0.93 2.57 23.73
N GLU A 108 0.77 3.89 23.61
CA GLU A 108 1.90 4.72 23.25
C GLU A 108 2.92 4.91 24.37
N ASP A 109 4.19 4.84 23.97
CA ASP A 109 5.34 5.00 24.87
C ASP A 109 6.40 5.81 24.11
N LYS A 110 6.61 7.05 24.55
CA LYS A 110 7.56 7.93 23.89
C LYS A 110 9.04 7.68 24.17
N GLU A 111 9.36 6.98 25.25
CA GLU A 111 10.77 6.76 25.55
C GLU A 111 11.33 5.38 25.21
N LYS A 112 10.70 4.32 25.72
CA LYS A 112 11.17 2.97 25.48
C LYS A 112 10.11 2.03 24.88
N PRO A 113 9.63 2.33 23.66
CA PRO A 113 8.63 1.44 23.08
C PRO A 113 9.27 0.23 22.41
N ALA A 114 8.52 -0.85 22.30
CA ALA A 114 9.04 -2.04 21.64
C ALA A 114 9.05 -1.79 20.12
N TYR A 115 8.02 -1.11 19.64
CA TYR A 115 7.91 -0.81 18.22
C TYR A 115 7.92 0.68 17.94
N VAL A 116 8.43 1.04 16.76
CA VAL A 116 8.40 2.42 16.30
C VAL A 116 7.85 2.29 14.86
N VAL A 117 6.61 2.71 14.69
CA VAL A 117 5.95 2.63 13.39
C VAL A 117 5.94 3.97 12.68
N VAL A 118 6.55 4.03 11.50
CA VAL A 118 6.57 5.29 10.76
C VAL A 118 5.82 5.21 9.44
N GLY A 119 4.84 6.10 9.28
CA GLY A 119 4.06 6.20 8.06
C GLY A 119 4.03 7.68 7.68
N LEU A 120 3.44 8.03 6.55
CA LEU A 120 3.36 9.44 6.14
C LEU A 120 2.56 10.28 7.15
N ASP A 121 3.11 11.42 7.52
CA ASP A 121 2.45 12.35 8.45
C ASP A 121 2.50 13.72 7.78
N TRP A 122 1.36 14.16 7.24
CA TRP A 122 1.27 15.44 6.57
C TRP A 122 1.78 16.58 7.41
N GLN A 123 1.87 16.36 8.72
CA GLN A 123 2.35 17.39 9.61
C GLN A 123 3.55 16.98 10.44
N VAL A 124 4.33 16.06 9.91
CA VAL A 124 5.51 15.60 10.61
C VAL A 124 6.42 16.80 10.87
N ASP A 125 7.14 16.76 11.99
CA ASP A 125 8.04 17.86 12.32
C ASP A 125 9.25 17.35 13.08
N TYR A 126 10.15 18.27 13.42
CA TYR A 126 11.36 17.90 14.11
C TYR A 126 11.13 17.10 15.39
N GLU A 127 10.30 17.61 16.29
CA GLU A 127 10.07 16.88 17.53
C GLU A 127 9.68 15.43 17.33
N LYS A 128 8.77 15.16 16.39
CA LYS A 128 8.36 13.79 16.15
C LYS A 128 9.55 12.96 15.65
N PHE A 129 10.35 13.55 14.76
CA PHE A 129 11.54 12.85 14.26
C PHE A 129 12.54 12.55 15.39
N ALA A 130 12.78 13.51 16.28
CA ALA A 130 13.74 13.30 17.36
C ALA A 130 13.25 12.23 18.33
N THR A 131 11.95 12.26 18.63
CA THR A 131 11.35 11.28 19.51
C THR A 131 11.53 9.90 18.89
N ALA A 132 11.23 9.80 17.59
CA ALA A 132 11.37 8.53 16.88
C ALA A 132 12.82 8.03 16.91
N THR A 133 13.76 8.93 16.63
CA THR A 133 15.18 8.59 16.61
C THR A 133 15.66 7.98 17.93
N LEU A 134 15.39 8.68 19.02
CA LEU A 134 15.79 8.22 20.35
C LEU A 134 15.21 6.85 20.65
N ALA A 135 13.93 6.68 20.33
CA ALA A 135 13.25 5.41 20.56
C ALA A 135 13.93 4.27 19.78
N ILE A 136 14.21 4.52 18.49
CA ILE A 136 14.84 3.51 17.65
C ILE A 136 16.27 3.25 18.11
N GLN A 137 16.95 4.28 18.60
CA GLN A 137 18.32 4.12 19.07
C GLN A 137 18.36 3.25 20.31
N LYS A 138 17.34 3.40 21.16
CA LYS A 138 17.24 2.61 22.39
C LYS A 138 16.81 1.18 22.12
N GLY A 139 16.75 0.80 20.85
CA GLY A 139 16.40 -0.56 20.50
C GLY A 139 15.03 -0.93 19.97
N ALA A 140 14.12 0.03 19.82
CA ALA A 140 12.79 -0.30 19.31
C ALA A 140 12.80 -0.89 17.89
N HIS A 141 11.85 -1.79 17.63
CA HIS A 141 11.71 -2.43 16.33
C HIS A 141 11.17 -1.38 15.37
N PHE A 142 12.02 -0.99 14.42
CA PHE A 142 11.74 0.05 13.44
C PHE A 142 10.93 -0.46 12.24
N ILE A 143 9.71 0.03 12.12
CA ILE A 143 8.84 -0.36 11.03
C ILE A 143 8.45 0.79 10.10
N GLY A 144 8.63 0.60 8.80
CA GLY A 144 8.25 1.60 7.82
C GLY A 144 7.01 1.06 7.15
N THR A 145 5.90 1.79 7.18
CA THR A 145 4.67 1.30 6.57
C THR A 145 4.79 1.07 5.07
N ASN A 146 5.33 2.04 4.33
CA ASN A 146 5.49 1.89 2.88
C ASN A 146 6.73 2.65 2.40
N PRO A 147 7.46 2.06 1.43
CA PRO A 147 8.69 2.62 0.86
C PRO A 147 8.59 3.84 -0.03
N ASP A 148 7.41 4.08 -0.60
CA ASP A 148 7.21 5.21 -1.51
C ASP A 148 7.96 6.48 -1.08
N LEU A 149 8.82 6.98 -1.96
CA LEU A 149 9.62 8.16 -1.69
C LEU A 149 8.83 9.42 -2.00
N ASN A 150 7.78 9.28 -2.78
CA ASN A 150 6.95 10.42 -3.16
C ASN A 150 5.49 10.03 -3.20
N ILE A 151 4.63 11.01 -2.96
CA ILE A 151 3.20 10.78 -3.00
C ILE A 151 2.62 11.89 -3.91
N PRO A 152 1.87 11.49 -4.94
CA PRO A 152 1.31 12.50 -5.83
C PRO A 152 0.08 13.21 -5.27
N THR A 153 0.14 14.53 -5.20
CA THR A 153 -0.99 15.30 -4.70
C THR A 153 -1.39 16.27 -5.82
N GLU A 154 -2.50 16.97 -5.62
CA GLU A 154 -2.94 17.91 -6.64
C GLU A 154 -1.98 19.09 -6.61
N ARG A 155 -0.82 18.88 -5.99
CA ARG A 155 0.20 19.91 -5.86
C ARG A 155 1.56 19.50 -6.44
N GLY A 156 1.73 18.21 -6.68
CA GLY A 156 2.98 17.71 -7.24
C GLY A 156 3.43 16.45 -6.51
N LEU A 157 4.67 16.04 -6.74
CA LEU A 157 5.20 14.87 -6.07
C LEU A 157 5.89 15.26 -4.76
N LEU A 158 5.11 15.34 -3.69
CA LEU A 158 5.63 15.69 -2.37
C LEU A 158 6.30 14.48 -1.71
N PRO A 159 7.06 14.71 -0.63
CA PRO A 159 7.75 13.64 0.10
C PRO A 159 6.77 12.59 0.62
N GLY A 160 7.06 11.32 0.34
CA GLY A 160 6.19 10.24 0.80
C GLY A 160 6.77 9.57 2.02
N ALA A 161 6.03 8.63 2.58
CA ALA A 161 6.46 7.91 3.78
C ALA A 161 7.93 7.49 3.73
N GLY A 162 8.35 6.94 2.60
CA GLY A 162 9.72 6.50 2.44
C GLY A 162 10.79 7.53 2.76
N SER A 163 10.56 8.78 2.38
CA SER A 163 11.51 9.83 2.64
C SER A 163 11.60 10.12 4.13
N LEU A 164 10.45 10.13 4.79
CA LEU A 164 10.41 10.36 6.24
C LEU A 164 11.15 9.21 6.89
N ILE A 165 10.85 8.00 6.43
CA ILE A 165 11.48 6.80 6.98
C ILE A 165 12.99 6.81 6.74
N THR A 166 13.42 7.23 5.57
CA THR A 166 14.85 7.29 5.25
C THR A 166 15.60 8.22 6.20
N LEU A 167 14.95 9.32 6.59
CA LEU A 167 15.56 10.29 7.48
C LEU A 167 15.88 9.63 8.81
N LEU A 168 14.98 8.80 9.30
CA LEU A 168 15.19 8.14 10.57
C LEU A 168 16.20 7.01 10.42
N GLU A 169 16.26 6.44 9.23
CA GLU A 169 17.18 5.35 8.95
C GLU A 169 18.63 5.85 9.03
N VAL A 170 18.94 6.93 8.30
CA VAL A 170 20.29 7.47 8.31
C VAL A 170 20.60 8.22 9.61
N ALA A 171 19.61 8.40 10.46
CA ALA A 171 19.81 9.10 11.73
C ALA A 171 19.97 8.13 12.90
N THR A 172 19.62 6.87 12.65
CA THR A 172 19.74 5.86 13.68
C THR A 172 20.63 4.74 13.17
N ARG A 173 20.89 4.78 11.87
CA ARG A 173 21.71 3.77 11.22
C ARG A 173 21.06 2.39 11.44
N VAL A 174 19.73 2.39 11.54
CA VAL A 174 18.98 1.15 11.74
C VAL A 174 18.02 0.97 10.57
N LYS A 175 18.29 -0.06 9.77
CA LYS A 175 17.47 -0.38 8.61
C LYS A 175 16.09 -0.84 9.09
N PRO A 176 15.02 -0.26 8.52
CA PRO A 176 13.64 -0.60 8.88
C PRO A 176 13.05 -1.78 8.14
N VAL A 177 11.95 -2.28 8.67
CA VAL A 177 11.22 -3.39 8.07
C VAL A 177 10.08 -2.77 7.30
N TYR A 178 10.15 -2.81 5.98
CA TYR A 178 9.09 -2.23 5.16
C TYR A 178 7.92 -3.20 5.03
N ILE A 179 6.71 -2.66 5.21
CA ILE A 179 5.49 -3.46 5.12
C ILE A 179 4.84 -3.49 3.75
N GLY A 180 4.55 -2.31 3.21
CA GLY A 180 3.87 -2.20 1.92
C GLY A 180 4.53 -2.67 0.65
N LYS A 181 3.76 -2.62 -0.44
CA LYS A 181 4.23 -3.02 -1.76
C LYS A 181 5.57 -2.33 -2.02
N PRO A 182 6.51 -3.06 -2.67
CA PRO A 182 6.37 -4.43 -3.15
C PRO A 182 6.93 -5.50 -2.20
N ASN A 183 6.78 -5.31 -0.90
CA ASN A 183 7.29 -6.27 0.07
C ASN A 183 6.41 -7.50 0.26
N ALA A 184 7.04 -8.61 0.60
CA ALA A 184 6.33 -9.87 0.80
C ALA A 184 5.31 -9.79 1.93
N ILE A 185 5.64 -9.10 3.01
CA ILE A 185 4.76 -8.99 4.16
C ILE A 185 3.30 -8.66 3.81
N ILE A 186 3.05 -7.55 3.13
CA ILE A 186 1.68 -7.20 2.76
C ILE A 186 1.12 -8.12 1.68
N MET A 187 1.96 -8.50 0.73
CA MET A 187 1.50 -9.37 -0.35
C MET A 187 1.10 -10.76 0.15
N ASP A 188 1.82 -11.29 1.13
CA ASP A 188 1.49 -12.60 1.68
C ASP A 188 0.11 -12.52 2.33
N LYS A 189 -0.08 -11.51 3.15
CA LYS A 189 -1.35 -11.34 3.83
C LYS A 189 -2.50 -11.02 2.87
N ALA A 190 -2.15 -10.58 1.66
CA ALA A 190 -3.14 -10.27 0.64
C ALA A 190 -3.51 -11.55 -0.12
N VAL A 191 -2.50 -12.35 -0.47
CA VAL A 191 -2.73 -13.61 -1.17
C VAL A 191 -3.52 -14.51 -0.24
N GLU A 192 -3.24 -14.36 1.05
CA GLU A 192 -3.90 -15.15 2.07
C GLU A 192 -5.36 -14.73 2.19
N HIS A 193 -5.63 -13.44 2.00
CA HIS A 193 -6.99 -12.92 2.10
C HIS A 193 -7.89 -13.58 1.06
N LEU A 194 -7.45 -13.57 -0.19
CA LEU A 194 -8.21 -14.17 -1.27
C LEU A 194 -8.16 -15.69 -1.18
N GLY A 195 -7.16 -16.20 -0.46
CA GLY A 195 -7.01 -17.63 -0.32
C GLY A 195 -6.95 -18.35 -1.66
N LEU A 196 -6.24 -17.76 -2.61
CA LEU A 196 -6.12 -18.37 -3.93
C LEU A 196 -4.64 -18.56 -4.25
N GLU A 197 -4.34 -19.44 -5.20
CA GLU A 197 -2.96 -19.68 -5.57
C GLU A 197 -2.42 -18.58 -6.46
N ARG A 198 -1.28 -18.03 -6.08
CA ARG A 198 -0.63 -16.95 -6.82
C ARG A 198 -0.61 -17.20 -8.33
N GLU A 199 -0.58 -18.48 -8.71
CA GLU A 199 -0.58 -18.85 -10.12
C GLU A 199 -1.84 -18.34 -10.82
N GLU A 200 -2.98 -18.46 -10.13
CA GLU A 200 -4.26 -18.01 -10.66
C GLU A 200 -4.67 -16.61 -10.18
N LEU A 201 -3.68 -15.81 -9.79
CA LEU A 201 -3.92 -14.45 -9.34
C LEU A 201 -3.14 -13.48 -10.22
N ILE A 202 -3.49 -12.19 -10.14
CA ILE A 202 -2.80 -11.17 -10.91
C ILE A 202 -2.92 -9.80 -10.21
N MET A 203 -1.79 -9.11 -10.09
CA MET A 203 -1.74 -7.80 -9.43
C MET A 203 -1.82 -6.72 -10.49
N VAL A 204 -2.71 -5.75 -10.29
CA VAL A 204 -2.90 -4.66 -11.24
C VAL A 204 -2.46 -3.33 -10.64
N GLY A 205 -1.60 -2.61 -11.36
CA GLY A 205 -1.11 -1.35 -10.86
C GLY A 205 -0.59 -0.43 -11.93
N ASP A 206 -0.21 0.78 -11.51
CA ASP A 206 0.29 1.82 -12.39
C ASP A 206 1.74 2.11 -12.10
N ASN A 207 2.25 1.52 -11.02
CA ASN A 207 3.62 1.76 -10.58
C ASN A 207 4.47 0.49 -10.62
N TYR A 208 5.53 0.53 -11.42
CA TYR A 208 6.42 -0.61 -11.58
C TYR A 208 7.18 -0.97 -10.29
N LEU A 209 7.83 0.03 -9.69
CA LEU A 209 8.61 -0.19 -8.47
C LEU A 209 7.81 -0.71 -7.28
N THR A 210 6.52 -0.45 -7.25
CA THR A 210 5.69 -0.92 -6.14
C THR A 210 4.69 -1.98 -6.55
N ASP A 211 3.77 -1.64 -7.44
CA ASP A 211 2.77 -2.60 -7.88
C ASP A 211 3.34 -3.78 -8.65
N ILE A 212 3.93 -3.50 -9.81
CA ILE A 212 4.49 -4.55 -10.64
C ILE A 212 5.50 -5.42 -9.93
N ARG A 213 6.54 -4.80 -9.39
CA ARG A 213 7.57 -5.55 -8.68
C ARG A 213 6.98 -6.31 -7.50
N ALA A 214 5.77 -5.94 -7.10
CA ALA A 214 5.12 -6.62 -5.99
C ALA A 214 4.76 -8.04 -6.40
N GLY A 215 4.52 -8.23 -7.69
CA GLY A 215 4.17 -9.56 -8.19
C GLY A 215 5.43 -10.31 -8.57
N ILE A 216 6.28 -9.64 -9.34
CA ILE A 216 7.54 -10.23 -9.78
C ILE A 216 8.29 -10.82 -8.60
N ASP A 217 8.69 -9.96 -7.66
CA ASP A 217 9.42 -10.39 -6.47
C ASP A 217 8.67 -11.43 -5.64
N ASN A 218 7.36 -11.51 -5.80
CA ASN A 218 6.58 -12.46 -5.03
C ASN A 218 5.84 -13.51 -5.85
N GLY A 219 6.31 -13.72 -7.08
CA GLY A 219 5.69 -14.70 -7.94
C GLY A 219 4.20 -14.55 -8.17
N ILE A 220 3.79 -13.40 -8.67
CA ILE A 220 2.39 -13.17 -8.95
C ILE A 220 2.25 -12.44 -10.28
N PRO A 221 1.47 -13.03 -11.21
CA PRO A 221 1.24 -12.44 -12.54
C PRO A 221 0.91 -10.97 -12.41
N THR A 222 1.35 -10.16 -13.35
CA THR A 222 1.05 -8.75 -13.26
C THR A 222 0.47 -8.09 -14.52
N LEU A 223 -0.31 -7.05 -14.28
CA LEU A 223 -0.92 -6.25 -15.34
C LEU A 223 -0.52 -4.82 -15.04
N LEU A 224 0.11 -4.16 -16.00
CA LEU A 224 0.54 -2.77 -15.80
C LEU A 224 -0.29 -1.82 -16.65
N VAL A 225 -0.87 -0.81 -16.01
CA VAL A 225 -1.67 0.16 -16.73
C VAL A 225 -0.89 1.46 -16.70
N THR A 226 -0.34 1.87 -17.84
CA THR A 226 0.45 3.08 -17.95
C THR A 226 -0.37 4.35 -17.84
N THR A 227 -1.35 4.35 -16.93
CA THR A 227 -2.20 5.51 -16.71
C THR A 227 -1.71 6.33 -15.53
N GLY A 228 -0.63 5.89 -14.89
CA GLY A 228 -0.12 6.62 -13.73
C GLY A 228 1.36 6.95 -13.71
N PHE A 229 2.08 6.37 -12.75
CA PHE A 229 3.50 6.61 -12.58
C PHE A 229 4.34 6.15 -13.77
N THR A 230 4.49 4.84 -13.94
CA THR A 230 5.27 4.30 -15.05
C THR A 230 4.64 4.74 -16.36
N LYS A 231 5.37 5.51 -17.16
CA LYS A 231 4.86 6.01 -18.43
C LYS A 231 5.09 5.03 -19.57
N ALA A 232 4.23 5.07 -20.58
CA ALA A 232 4.34 4.15 -21.72
C ALA A 232 5.73 4.15 -22.36
N GLU A 233 6.31 5.34 -22.49
CA GLU A 233 7.62 5.49 -23.08
C GLU A 233 8.64 4.58 -22.40
N GLU A 234 8.41 4.27 -21.13
CA GLU A 234 9.35 3.45 -20.39
C GLU A 234 8.97 1.99 -20.17
N VAL A 235 7.89 1.53 -20.81
CA VAL A 235 7.46 0.15 -20.65
C VAL A 235 8.56 -0.79 -21.16
N ALA A 236 9.23 -0.36 -22.22
CA ALA A 236 10.32 -1.11 -22.81
C ALA A 236 11.61 -0.51 -22.26
N GLY A 237 12.23 -1.22 -21.32
CA GLY A 237 13.45 -0.72 -20.73
C GLY A 237 13.43 -1.02 -19.24
N LEU A 238 12.34 -1.63 -18.80
CA LEU A 238 12.17 -2.00 -17.41
C LEU A 238 13.00 -3.25 -17.16
N PRO A 239 13.30 -3.53 -15.90
CA PRO A 239 14.06 -4.72 -15.57
C PRO A 239 13.23 -5.91 -16.05
N ILE A 240 12.61 -6.64 -15.13
CA ILE A 240 11.76 -7.78 -15.48
C ILE A 240 10.39 -7.26 -15.92
N ALA A 241 10.07 -7.39 -17.21
CA ALA A 241 8.79 -6.92 -17.76
C ALA A 241 7.55 -7.44 -17.01
N PRO A 242 6.44 -6.73 -17.18
CA PRO A 242 5.19 -7.11 -16.53
C PRO A 242 4.45 -8.16 -17.38
N THR A 243 3.88 -9.18 -16.74
CA THR A 243 3.17 -10.25 -17.45
C THR A 243 2.31 -9.71 -18.60
N HIS A 244 1.55 -8.66 -18.32
CA HIS A 244 0.70 -8.05 -19.33
C HIS A 244 0.88 -6.55 -19.19
N VAL A 245 0.83 -5.84 -20.30
CA VAL A 245 0.94 -4.39 -20.24
C VAL A 245 -0.24 -3.87 -21.04
N VAL A 246 -0.67 -2.66 -20.72
CA VAL A 246 -1.81 -2.06 -21.37
C VAL A 246 -1.79 -0.56 -21.12
N SER A 247 -2.38 0.20 -22.04
CA SER A 247 -2.44 1.65 -21.91
C SER A 247 -3.72 2.05 -21.16
N SER A 248 -4.69 1.15 -21.16
CA SER A 248 -5.96 1.38 -20.49
C SER A 248 -6.60 0.05 -20.14
N LEU A 249 -7.20 -0.02 -18.96
CA LEU A 249 -7.83 -1.25 -18.52
C LEU A 249 -8.97 -1.72 -19.42
N ALA A 250 -9.35 -0.91 -20.40
CA ALA A 250 -10.41 -1.30 -21.31
C ALA A 250 -9.88 -2.22 -22.42
N GLU A 251 -8.70 -2.80 -22.19
CA GLU A 251 -8.08 -3.70 -23.16
C GLU A 251 -7.94 -5.08 -22.52
N TRP A 252 -8.74 -5.33 -21.48
CA TRP A 252 -8.69 -6.60 -20.77
C TRP A 252 -10.08 -7.26 -20.82
N ASP A 253 -10.13 -8.59 -20.99
CA ASP A 253 -11.42 -9.27 -21.03
C ASP A 253 -11.37 -10.71 -20.50
N PHE A 254 -12.37 -11.49 -20.88
CA PHE A 254 -12.50 -12.90 -20.48
C PHE A 254 -11.12 -13.55 -20.52
N ASP A 255 -10.76 -14.06 -21.70
CA ASP A 255 -9.46 -14.69 -21.92
C ASP A 255 -8.93 -14.25 -23.29
MG MG B . -0.61 4.02 -7.40
#